data_8XNI
#
_entry.id   8XNI
#
_cell.length_a   54.418
_cell.length_b   54.418
_cell.length_c   107.058
_cell.angle_alpha   90.00
_cell.angle_beta   90.00
_cell.angle_gamma   120.00
#
_symmetry.space_group_name_H-M   'P 31 2 1'
#
loop_
_entity.id
_entity.type
_entity.pdbx_description
1 polymer 'Cationic trypsin'
2 non-polymer 'CALCIUM ION'
3 non-polymer 'CHLORIDE ION'
4 non-polymer N-[N-[1-HYDROXYCARBOXYETHYL-CARBONYL]LEUCYLAMINO-BUTYL]-GUANIDINE
5 water water
#
_entity_poly.entity_id   1
_entity_poly.type   'polypeptide(L)'
_entity_poly.pdbx_seq_one_letter_code
;MKTFIFLALLGAAVAFPVDDDDKIVGGYTCGANTVPYQVSLNSGYHFCGGSLINSQWVVSAAHCYKSGIQVRLGEDNINV
VEGNEQFISASKSIVHPSYNSNTLNNDIMLIKLKSAASLNSRVASISLPTSCASAGTQCLISGWGNTKSSGTSYPDVLKC
LKAPILSDSSCKSAYPGQITSNMFCAGYLEGGKDSCQGDSGGPVVCSGKLQGIVSWGSGCAQKNKPGVYTKVCNYVSWIK
QTIASN
;
_entity_poly.pdbx_strand_id   A
#
loop_
_chem_comp.id
_chem_comp.type
_chem_comp.name
_chem_comp.formula
CA non-polymer 'CALCIUM ION' 'Ca 2'
CL non-polymer 'CHLORIDE ION' 'Cl -1'
E64 non-polymer N-[N-[1-HYDROXYCARBOXYETHYL-CARBONYL]LEUCYLAMINO-BUTYL]-GUANIDINE 'C15 H30 N5 O5 1'
#
# COMPACT_ATOMS: atom_id res chain seq x y z
N ILE A 24 4.39 6.53 -7.91
CA ILE A 24 3.11 7.23 -8.28
C ILE A 24 3.36 8.01 -9.57
N VAL A 25 2.56 7.78 -10.61
CA VAL A 25 2.60 8.53 -11.90
C VAL A 25 1.45 9.53 -11.93
N GLY A 26 1.77 10.81 -12.15
CA GLY A 26 0.76 11.86 -12.34
C GLY A 26 0.14 12.29 -11.02
N GLY A 27 0.87 12.13 -9.91
CA GLY A 27 0.45 12.58 -8.56
C GLY A 27 1.11 13.90 -8.16
N TYR A 28 1.23 14.15 -6.86
CA TYR A 28 1.77 15.41 -6.31
C TYR A 28 2.58 15.07 -5.07
N THR A 29 3.55 15.91 -4.70
CA THR A 29 4.29 15.74 -3.43
C THR A 29 3.28 15.83 -2.28
N CYS A 30 3.09 14.75 -1.54
CA CYS A 30 2.18 14.69 -0.37
C CYS A 30 2.44 15.85 0.58
N GLY A 31 3.72 16.10 0.86
CA GLY A 31 4.15 17.01 1.93
C GLY A 31 4.57 16.23 3.15
N ALA A 32 5.61 16.71 3.84
CA ALA A 32 6.31 16.00 4.93
C ALA A 32 5.31 15.53 5.99
N ASN A 33 5.17 14.21 6.12
CA ASN A 33 4.48 13.55 7.26
C ASN A 33 2.97 13.82 7.18
N THR A 34 2.45 14.17 6.00
CA THR A 34 1.00 14.41 5.77
C THR A 34 0.26 13.07 5.65
N VAL A 35 1.00 11.97 5.46
CA VAL A 35 0.45 10.58 5.46
C VAL A 35 1.16 9.82 6.58
N PRO A 36 0.79 10.07 7.84
CA PRO A 36 1.59 9.58 8.97
C PRO A 36 1.49 8.06 9.19
N TYR A 37 0.58 7.39 8.48
CA TYR A 37 0.37 5.92 8.53
C TYR A 37 1.22 5.19 7.47
N GLN A 38 1.83 5.94 6.53
CA GLN A 38 2.69 5.40 5.44
C GLN A 38 4.04 5.01 6.02
N VAL A 39 4.44 3.76 5.79
CA VAL A 39 5.79 3.25 6.12
C VAL A 39 6.52 2.86 4.84
N SER A 40 7.83 2.90 4.93
CA SER A 40 8.78 2.35 3.95
C SER A 40 9.32 1.08 4.57
N LEU A 41 9.26 -0.02 3.83
CA LEU A 41 9.99 -1.26 4.16
C LEU A 41 11.39 -1.13 3.54
N ASN A 42 12.43 -1.27 4.35
CA ASN A 42 13.84 -1.13 3.94
C ASN A 42 14.64 -2.43 4.18
N SER A 43 15.35 -2.92 3.17
CA SER A 43 16.25 -4.11 3.21
C SER A 43 17.64 -3.67 2.71
N GLY A 44 18.12 -2.49 3.11
CA GLY A 44 19.30 -1.77 2.57
C GLY A 44 18.89 -0.60 1.68
N TYR A 45 17.60 -0.50 1.35
CA TYR A 45 17.00 0.41 0.35
C TYR A 45 15.49 0.26 0.53
N HIS A 46 14.70 1.27 0.23
CA HIS A 46 13.22 1.19 0.20
C HIS A 46 12.83 0.16 -0.89
N PHE A 47 11.96 -0.79 -0.63
CA PHE A 47 11.57 -1.79 -1.66
C PHE A 47 10.06 -1.99 -1.72
N CYS A 48 9.33 -1.45 -0.75
CA CYS A 48 7.87 -1.60 -0.60
C CYS A 48 7.37 -0.56 0.40
N GLY A 49 6.11 -0.17 0.22
CA GLY A 49 5.32 0.62 1.19
C GLY A 49 4.50 -0.30 2.08
N GLY A 50 3.79 0.30 3.01
CA GLY A 50 3.02 -0.44 4.03
C GLY A 50 2.24 0.55 4.84
N SER A 51 1.31 0.07 5.66
CA SER A 51 0.39 0.92 6.45
C SER A 51 0.48 0.51 7.91
N LEU A 52 0.73 1.46 8.81
CA LEU A 52 0.77 1.20 10.27
C LEU A 52 -0.66 1.11 10.78
N ILE A 53 -1.03 -0.03 11.36
CA ILE A 53 -2.44 -0.28 11.78
C ILE A 53 -2.51 -0.26 13.31
N ASN A 54 -1.38 -0.41 13.99
CA ASN A 54 -1.27 -0.06 15.42
C ASN A 54 0.22 0.06 15.74
N SER A 55 0.59 0.32 16.99
CA SER A 55 1.98 0.67 17.36
C SER A 55 2.94 -0.46 17.00
N GLN A 56 2.44 -1.70 16.85
CA GLN A 56 3.31 -2.89 16.70
C GLN A 56 3.09 -3.63 15.38
N TRP A 57 2.20 -3.18 14.52
CA TRP A 57 1.80 -3.97 13.32
C TRP A 57 1.73 -3.09 12.07
N VAL A 58 2.30 -3.61 10.98
CA VAL A 58 2.17 -3.03 9.61
C VAL A 58 1.42 -4.01 8.70
N VAL A 59 0.55 -3.48 7.83
CA VAL A 59 -0.05 -4.19 6.68
C VAL A 59 0.68 -3.78 5.39
N SER A 60 1.15 -4.77 4.63
CA SER A 60 1.78 -4.61 3.32
C SER A 60 1.21 -5.67 2.37
N ALA A 61 1.82 -5.86 1.22
CA ALA A 61 1.40 -6.91 0.27
C ALA A 61 2.24 -8.16 0.56
N ALA A 62 1.68 -9.35 0.31
CA ALA A 62 2.40 -10.64 0.44
C ALA A 62 3.58 -10.69 -0.52
N HIS A 63 3.46 -10.07 -1.69
CA HIS A 63 4.53 -10.03 -2.72
C HIS A 63 5.69 -9.15 -2.24
N CYS A 64 5.50 -8.33 -1.20
CA CYS A 64 6.62 -7.61 -0.54
C CYS A 64 7.41 -8.54 0.40
N TYR A 65 6.99 -9.79 0.58
CA TYR A 65 7.58 -10.70 1.61
C TYR A 65 9.08 -10.87 1.34
N LYS A 66 9.88 -10.73 2.40
CA LYS A 66 11.33 -11.08 2.42
C LYS A 66 11.83 -10.94 3.85
N SER A 67 13.04 -11.42 4.13
CA SER A 67 13.68 -11.36 5.45
C SER A 67 14.58 -10.13 5.48
N GLY A 68 15.02 -9.74 6.68
CA GLY A 68 15.86 -8.55 6.87
C GLY A 68 15.07 -7.27 6.64
N ILE A 69 13.78 -7.25 7.01
CA ILE A 69 12.90 -6.06 6.86
C ILE A 69 13.09 -5.19 8.11
N GLN A 70 13.47 -3.93 7.87
CA GLN A 70 13.36 -2.81 8.83
C GLN A 70 12.18 -1.95 8.40
N VAL A 71 11.25 -1.72 9.33
CA VAL A 71 10.09 -0.81 9.17
C VAL A 71 10.59 0.60 9.49
N ARG A 72 10.33 1.51 8.57
CA ARG A 72 10.74 2.93 8.74
C ARG A 72 9.48 3.78 8.80
N LEU A 73 9.24 4.42 9.94
CA LEU A 73 8.09 5.32 10.15
C LEU A 73 8.52 6.80 10.18
N GLY A 74 7.59 7.75 10.04
CA GLY A 74 7.84 9.21 10.06
C GLY A 74 8.74 9.69 8.94
N GLU A 75 8.64 9.05 7.81
CA GLU A 75 9.56 9.30 6.69
C GLU A 75 8.96 10.21 5.62
N ASP A 76 9.76 11.16 5.13
CA ASP A 76 9.39 11.88 3.89
C ASP A 76 10.47 11.62 2.85
N ASN A 77 11.61 12.31 2.88
CA ASN A 77 12.75 11.93 2.02
C ASN A 77 13.41 10.69 2.67
N ILE A 78 13.34 9.55 1.98
CA ILE A 78 13.89 8.24 2.45
C ILE A 78 15.41 8.22 2.32
N ASN A 79 16.02 9.28 1.74
CA ASN A 79 17.49 9.35 1.55
C ASN A 79 18.09 10.41 2.47
N VAL A 80 17.25 11.10 3.27
CA VAL A 80 17.67 12.20 4.18
C VAL A 80 17.04 11.96 5.56
N VAL A 81 17.85 12.00 6.63
CA VAL A 81 17.35 11.91 8.02
C VAL A 81 16.87 13.31 8.41
N GLU A 82 15.55 13.51 8.49
CA GLU A 82 14.90 14.84 8.69
C GLU A 82 14.47 15.02 10.15
N GLY A 83 14.48 13.95 10.95
CA GLY A 83 14.36 14.02 12.42
C GLY A 83 13.05 13.48 12.97
N ASN A 84 12.12 13.01 12.13
CA ASN A 84 10.86 12.42 12.67
C ASN A 84 10.85 10.90 12.45
N GLU A 85 11.98 10.32 12.05
CA GLU A 85 12.05 8.90 11.66
C GLU A 85 11.98 8.05 12.92
N GLN A 86 11.32 6.90 12.79
CA GLN A 86 11.54 5.73 13.68
C GLN A 86 11.87 4.53 12.80
N PHE A 87 13.02 3.92 13.07
CA PHE A 87 13.51 2.69 12.40
C PHE A 87 13.40 1.51 13.36
N ILE A 88 12.57 0.53 13.00
CA ILE A 88 12.27 -0.64 13.86
C ILE A 88 12.30 -1.93 13.04
N SER A 89 13.04 -2.94 13.50
CA SER A 89 13.14 -4.27 12.86
C SER A 89 11.81 -5.02 12.98
N ALA A 90 11.39 -5.67 11.89
CA ALA A 90 10.33 -6.70 11.92
C ALA A 90 10.83 -7.85 12.79
N SER A 91 10.01 -8.33 13.72
CA SER A 91 10.22 -9.60 14.48
C SER A 91 9.48 -10.74 13.78
N LYS A 92 8.30 -10.48 13.24
CA LYS A 92 7.50 -11.55 12.57
C LYS A 92 6.83 -11.01 11.32
N SER A 93 6.87 -11.77 10.25
CA SER A 93 6.11 -11.54 8.99
C SER A 93 5.12 -12.69 8.84
N ILE A 94 3.84 -12.39 8.66
CA ILE A 94 2.75 -13.37 8.41
C ILE A 94 2.10 -13.03 7.07
N VAL A 95 2.50 -13.76 6.03
CA VAL A 95 1.88 -13.75 4.68
C VAL A 95 0.54 -14.48 4.81
N HIS A 96 -0.47 -14.05 4.06
CA HIS A 96 -1.84 -14.61 4.12
C HIS A 96 -1.78 -16.12 3.89
N PRO A 97 -2.57 -16.93 4.63
CA PRO A 97 -2.54 -18.37 4.44
C PRO A 97 -2.81 -18.77 2.98
N SER A 98 -3.67 -18.03 2.29
CA SER A 98 -4.12 -18.36 0.91
C SER A 98 -3.40 -17.51 -0.15
N TYR A 99 -2.30 -16.83 0.18
CA TYR A 99 -1.56 -16.01 -0.81
C TYR A 99 -1.09 -16.94 -1.94
N ASN A 100 -1.45 -16.58 -3.19
CA ASN A 100 -1.01 -17.27 -4.42
C ASN A 100 -0.13 -16.30 -5.21
N SER A 101 1.17 -16.55 -5.31
CA SER A 101 2.16 -15.68 -6.01
C SER A 101 2.01 -15.76 -7.54
N ASN A 102 1.43 -16.84 -8.07
CA ASN A 102 1.19 -16.96 -9.53
C ASN A 102 0.12 -15.92 -9.91
N THR A 103 -0.95 -15.79 -9.12
CA THR A 103 -2.13 -14.97 -9.47
C THR A 103 -2.22 -13.68 -8.64
N LEU A 104 -1.45 -13.56 -7.55
CA LEU A 104 -1.48 -12.45 -6.58
C LEU A 104 -2.83 -12.40 -5.84
N ASN A 105 -3.59 -13.51 -5.82
CA ASN A 105 -4.81 -13.59 -4.99
C ASN A 105 -4.39 -13.60 -3.52
N ASN A 106 -5.04 -12.78 -2.70
CA ASN A 106 -4.82 -12.70 -1.23
C ASN A 106 -3.45 -12.05 -0.99
N ASP A 107 -3.18 -10.95 -1.70
CA ASP A 107 -1.87 -10.25 -1.68
C ASP A 107 -1.85 -9.29 -0.47
N ILE A 108 -1.68 -9.88 0.71
CA ILE A 108 -1.67 -9.15 2.01
C ILE A 108 -0.76 -9.88 2.99
N MET A 109 -0.05 -9.10 3.79
CA MET A 109 0.92 -9.62 4.78
C MET A 109 0.92 -8.68 5.98
N LEU A 110 1.13 -9.24 7.16
CA LEU A 110 1.26 -8.51 8.43
C LEU A 110 2.71 -8.60 8.87
N ILE A 111 3.21 -7.53 9.49
CA ILE A 111 4.60 -7.44 10.00
C ILE A 111 4.49 -6.95 11.44
N LYS A 112 4.98 -7.73 12.39
CA LYS A 112 5.10 -7.28 13.79
C LYS A 112 6.49 -6.66 13.97
N LEU A 113 6.54 -5.47 14.57
CA LEU A 113 7.77 -4.75 15.01
C LEU A 113 8.40 -5.43 16.25
N LYS A 114 9.74 -5.51 16.31
CA LYS A 114 10.50 -5.98 17.50
C LYS A 114 10.01 -5.21 18.72
N SER A 115 9.71 -3.92 18.57
CA SER A 115 9.27 -3.02 19.65
C SER A 115 8.16 -2.11 19.12
N ALA A 116 7.39 -1.58 20.02
CA ALA A 116 6.25 -0.76 19.60
C ALA A 116 6.76 0.61 19.17
N ALA A 117 6.17 1.11 18.10
CA ALA A 117 6.46 2.48 17.67
C ALA A 117 5.91 3.50 18.66
N SER A 118 6.60 4.60 18.86
CA SER A 118 6.08 5.76 19.60
C SER A 118 5.11 6.49 18.66
N LEU A 119 3.83 6.47 19.00
CA LEU A 119 2.80 7.08 18.14
C LEU A 119 2.78 8.59 18.39
N ASN A 120 2.81 9.35 17.30
CA ASN A 120 2.73 10.82 17.40
C ASN A 120 2.02 11.40 16.18
N SER A 121 2.10 12.69 16.00
CA SER A 121 1.47 13.42 14.88
C SER A 121 2.02 12.92 13.54
N ARG A 122 3.27 12.44 13.53
CA ARG A 122 3.93 12.03 12.29
C ARG A 122 3.90 10.51 12.15
N VAL A 123 3.60 9.79 13.23
CA VAL A 123 3.65 8.30 13.21
C VAL A 123 2.30 7.83 13.74
N ALA A 124 1.38 7.59 12.84
CA ALA A 124 0.02 7.29 13.29
C ALA A 124 -0.57 6.07 12.59
N SER A 125 -1.45 5.40 13.30
CA SER A 125 -2.16 4.23 12.76
C SER A 125 -3.35 4.66 11.87
N ILE A 126 -3.69 3.86 10.87
CA ILE A 126 -4.89 4.09 10.02
C ILE A 126 -5.92 3.02 10.37
N SER A 127 -7.20 3.41 10.53
CA SER A 127 -8.30 2.48 10.90
C SER A 127 -8.51 1.46 9.79
N LEU A 128 -8.75 0.20 10.17
CA LEU A 128 -9.25 -0.87 9.26
C LEU A 128 -10.71 -0.57 8.90
N PRO A 129 -11.13 -1.03 7.70
CA PRO A 129 -12.52 -0.85 7.28
C PRO A 129 -13.52 -1.65 8.13
N THR A 130 -14.64 -1.03 8.42
CA THR A 130 -15.75 -1.73 9.08
C THR A 130 -16.55 -2.38 7.94
N SER A 131 -16.56 -1.74 6.76
CA SER A 131 -17.24 -2.27 5.55
C SER A 131 -16.44 -1.99 4.27
N CYS A 132 -16.62 -2.82 3.24
CA CYS A 132 -16.06 -2.53 1.90
C CYS A 132 -16.56 -1.18 1.39
N ALA A 133 -15.70 -0.49 0.63
CA ALA A 133 -16.06 0.73 -0.12
C ALA A 133 -16.69 0.31 -1.45
N SER A 134 -17.47 1.19 -2.03
CA SER A 134 -18.05 0.96 -3.37
C SER A 134 -17.31 1.70 -4.49
N ALA A 135 -17.64 1.36 -5.73
CA ALA A 135 -17.16 2.08 -6.92
C ALA A 135 -17.55 3.56 -6.83
N GLY A 136 -16.72 4.44 -7.37
CA GLY A 136 -16.94 5.89 -7.27
C GLY A 136 -16.34 6.51 -6.01
N THR A 137 -16.18 5.74 -4.95
CA THR A 137 -15.51 6.25 -3.71
C THR A 137 -14.13 6.81 -4.12
N GLN A 138 -13.83 8.04 -3.73
CA GLN A 138 -12.49 8.66 -3.91
C GLN A 138 -11.54 8.14 -2.83
N CYS A 139 -10.31 7.93 -3.23
CA CYS A 139 -9.29 7.34 -2.33
C CYS A 139 -7.92 8.06 -2.48
N LEU A 140 -7.11 8.05 -1.43
CA LEU A 140 -5.72 8.58 -1.44
C LEU A 140 -4.75 7.39 -1.51
N ILE A 141 -3.95 7.36 -2.56
CA ILE A 141 -2.90 6.33 -2.80
C ILE A 141 -1.57 7.06 -2.72
N SER A 142 -0.58 6.46 -2.07
CA SER A 142 0.70 7.14 -1.72
C SER A 142 1.85 6.15 -1.83
N GLY A 143 3.03 6.65 -2.21
CA GLY A 143 4.25 5.84 -2.21
C GLY A 143 5.47 6.55 -2.76
N TRP A 144 6.60 5.86 -2.66
CA TRP A 144 7.92 6.30 -3.17
C TRP A 144 8.23 5.61 -4.49
N GLY A 145 7.21 5.07 -5.18
CA GLY A 145 7.41 4.27 -6.39
C GLY A 145 7.76 5.11 -7.60
N ASN A 146 8.03 4.44 -8.72
CA ASN A 146 8.31 5.09 -10.02
C ASN A 146 7.25 6.16 -10.33
N THR A 147 7.68 7.31 -10.84
CA THR A 147 6.83 8.48 -11.20
C THR A 147 6.65 8.57 -12.72
N LYS A 148 7.25 7.66 -13.49
CA LYS A 148 7.23 7.69 -14.98
C LYS A 148 6.52 6.45 -15.54
N SER A 149 5.63 6.64 -16.52
CA SER A 149 4.82 5.57 -17.17
C SER A 149 5.57 4.95 -18.34
N SER A 150 6.55 5.68 -18.92
CA SER A 150 7.69 5.16 -19.75
C SER A 150 9.03 5.56 -19.09
N GLY A 151 9.98 4.62 -19.02
CA GLY A 151 11.29 4.83 -18.38
C GLY A 151 11.19 4.81 -16.86
N THR A 152 12.11 5.50 -16.18
CA THR A 152 12.34 5.36 -14.71
C THR A 152 12.67 6.71 -14.07
N SER A 153 11.96 7.07 -13.00
CA SER A 153 12.36 8.15 -12.06
C SER A 153 11.75 7.86 -10.68
N TYR A 154 12.61 7.77 -9.66
CA TYR A 154 12.22 7.43 -8.27
C TYR A 154 12.37 8.67 -7.41
N PRO A 155 11.28 9.17 -6.80
CA PRO A 155 11.34 10.37 -5.98
C PRO A 155 11.91 9.93 -4.63
N ASP A 156 12.45 10.84 -3.86
CA ASP A 156 12.87 10.48 -2.49
C ASP A 156 11.76 10.91 -1.53
N VAL A 157 10.89 11.84 -1.95
CA VAL A 157 9.77 12.36 -1.11
C VAL A 157 8.48 11.59 -1.45
N LEU A 158 7.56 11.48 -0.49
CA LEU A 158 6.31 10.71 -0.66
C LEU A 158 5.42 11.42 -1.68
N LYS A 159 4.96 10.67 -2.68
CA LYS A 159 4.00 11.12 -3.73
C LYS A 159 2.62 10.56 -3.39
N CYS A 160 1.59 11.35 -3.67
CA CYS A 160 0.16 11.12 -3.37
C CYS A 160 -0.61 11.20 -4.68
N LEU A 161 -1.70 10.44 -4.78
CA LEU A 161 -2.66 10.51 -5.90
C LEU A 161 -4.08 10.31 -5.36
N LYS A 162 -5.00 11.18 -5.78
CA LYS A 162 -6.47 10.98 -5.57
C LYS A 162 -7.02 10.17 -6.74
N ALA A 163 -7.64 9.03 -6.41
CA ALA A 163 -8.11 8.05 -7.42
C ALA A 163 -9.44 7.48 -6.98
N PRO A 164 -10.41 7.32 -7.92
CA PRO A 164 -11.68 6.66 -7.61
C PRO A 164 -11.55 5.14 -7.73
N ILE A 165 -12.31 4.43 -6.91
CA ILE A 165 -12.54 2.98 -7.08
C ILE A 165 -13.38 2.82 -8.35
N LEU A 166 -13.03 1.86 -9.20
CA LEU A 166 -13.70 1.62 -10.49
C LEU A 166 -14.67 0.46 -10.30
N SER A 167 -15.69 0.39 -11.16
CA SER A 167 -16.68 -0.71 -11.21
C SER A 167 -15.89 -2.01 -11.31
N ASP A 168 -16.36 -3.04 -10.61
CA ASP A 168 -15.81 -4.41 -10.74
C ASP A 168 -15.90 -4.86 -12.19
N SER A 169 -16.95 -4.45 -12.93
CA SER A 169 -17.17 -4.83 -14.36
C SER A 169 -16.02 -4.32 -15.22
N SER A 170 -15.71 -3.03 -15.13
CA SER A 170 -14.64 -2.40 -15.95
C SER A 170 -13.26 -2.90 -15.48
N CYS A 171 -13.12 -3.28 -14.22
CA CYS A 171 -11.86 -3.88 -13.69
C CYS A 171 -11.63 -5.22 -14.39
N LYS A 172 -12.64 -6.10 -14.40
CA LYS A 172 -12.49 -7.45 -14.99
C LYS A 172 -12.36 -7.36 -16.52
N SER A 173 -12.94 -6.34 -17.15
CA SER A 173 -12.84 -6.12 -18.62
C SER A 173 -11.42 -5.67 -18.98
N ALA A 174 -10.79 -4.85 -18.13
CA ALA A 174 -9.39 -4.38 -18.26
C ALA A 174 -8.42 -5.55 -18.15
N TYR A 175 -8.72 -6.51 -17.28
CA TYR A 175 -7.83 -7.66 -16.98
C TYR A 175 -8.65 -8.94 -16.99
N PRO A 176 -9.12 -9.41 -18.19
CA PRO A 176 -9.93 -10.61 -18.28
C PRO A 176 -9.24 -11.81 -17.63
N GLY A 177 -10.00 -12.52 -16.78
CA GLY A 177 -9.58 -13.78 -16.16
C GLY A 177 -8.69 -13.59 -14.95
N GLN A 178 -8.27 -12.36 -14.61
CA GLN A 178 -7.19 -12.11 -13.60
C GLN A 178 -7.69 -11.44 -12.31
N ILE A 179 -8.95 -10.96 -12.27
CA ILE A 179 -9.46 -10.17 -11.11
C ILE A 179 -10.31 -11.10 -10.22
N THR A 180 -9.90 -11.27 -8.97
CA THR A 180 -10.65 -12.05 -7.95
C THR A 180 -11.54 -11.09 -7.17
N SER A 181 -12.43 -11.63 -6.35
CA SER A 181 -13.26 -10.84 -5.41
C SER A 181 -12.37 -10.26 -4.31
N ASN A 182 -11.08 -10.64 -4.24
CA ASN A 182 -10.10 -10.11 -3.25
C ASN A 182 -9.30 -8.94 -3.85
N MET A 183 -9.74 -8.48 -5.02
CA MET A 183 -9.08 -7.40 -5.79
C MET A 183 -10.11 -6.33 -6.17
N PHE A 184 -9.65 -5.10 -6.30
CA PHE A 184 -10.43 -4.03 -6.95
C PHE A 184 -9.47 -3.15 -7.74
N CYS A 185 -10.01 -2.51 -8.78
CA CYS A 185 -9.33 -1.48 -9.61
C CYS A 185 -9.61 -0.10 -9.01
N ALA A 186 -8.61 0.78 -9.08
CA ALA A 186 -8.75 2.23 -8.84
C ALA A 186 -7.83 2.97 -9.83
N GLY A 187 -8.27 4.18 -10.20
CA GLY A 187 -7.53 5.13 -11.04
C GLY A 187 -8.37 5.62 -12.21
N TYR A 188 -7.74 5.72 -13.39
CA TYR A 188 -8.27 6.42 -14.59
C TYR A 188 -8.03 5.52 -15.80
N LEU A 189 -9.10 5.09 -16.46
CA LEU A 189 -9.01 4.24 -17.68
C LEU A 189 -8.34 5.02 -18.80
N GLU A 190 -8.44 6.34 -18.79
CA GLU A 190 -7.77 7.25 -19.76
C GLU A 190 -6.25 7.19 -19.55
N GLY A 191 -5.80 6.66 -18.40
CA GLY A 191 -4.36 6.57 -18.04
C GLY A 191 -3.79 7.90 -17.56
N GLY A 192 -2.49 7.96 -17.32
CA GLY A 192 -1.77 9.17 -16.90
C GLY A 192 -1.64 9.28 -15.40
N LYS A 193 -2.48 8.56 -14.64
CA LYS A 193 -2.45 8.63 -13.16
C LYS A 193 -2.65 7.23 -12.58
N ASP A 194 -1.71 6.79 -11.73
CA ASP A 194 -1.59 5.39 -11.28
C ASP A 194 -0.54 5.25 -10.17
N SER A 195 -0.53 4.10 -9.51
CA SER A 195 0.62 3.58 -8.74
C SER A 195 1.58 2.92 -9.73
N CYS A 196 2.78 2.60 -9.27
CA CYS A 196 3.82 1.95 -10.10
C CYS A 196 4.73 1.08 -9.19
N GLN A 197 5.76 0.49 -9.76
CA GLN A 197 6.75 -0.29 -8.97
C GLN A 197 7.39 0.61 -7.88
N GLY A 198 7.48 0.13 -6.64
CA GLY A 198 7.99 0.90 -5.49
C GLY A 198 6.85 1.31 -4.59
N ASP A 199 5.65 1.43 -5.15
CA ASP A 199 4.42 1.69 -4.36
C ASP A 199 3.89 0.36 -3.78
N SER A 200 4.36 -0.82 -4.25
CA SER A 200 4.01 -2.17 -3.72
C SER A 200 3.78 -2.21 -2.20
N GLY A 201 2.67 -2.81 -1.76
CA GLY A 201 2.36 -2.97 -0.32
C GLY A 201 1.78 -1.72 0.33
N GLY A 202 1.82 -0.60 -0.38
CA GLY A 202 1.39 0.69 0.17
C GLY A 202 -0.10 0.92 0.32
N PRO A 203 -0.45 2.03 0.96
CA PRO A 203 -1.85 2.31 1.24
C PRO A 203 -2.81 2.85 0.19
N VAL A 204 -4.07 2.46 0.31
CA VAL A 204 -5.18 2.99 -0.50
C VAL A 204 -6.22 3.35 0.57
N VAL A 205 -6.37 4.63 0.88
CA VAL A 205 -7.22 5.05 2.03
C VAL A 205 -8.45 5.82 1.54
N CYS A 206 -9.60 5.35 1.99
CA CYS A 206 -10.88 5.93 1.52
C CYS A 206 -11.73 6.23 2.76
N SER A 207 -12.09 7.50 2.95
CA SER A 207 -12.86 7.94 4.14
C SER A 207 -12.27 7.40 5.46
N GLY A 208 -11.00 7.67 5.74
CA GLY A 208 -10.32 7.25 6.99
C GLY A 208 -10.14 5.75 7.17
N LYS A 209 -10.40 5.00 6.11
CA LYS A 209 -10.24 3.54 6.17
C LYS A 209 -9.20 3.03 5.17
N LEU A 210 -8.42 2.04 5.59
CA LEU A 210 -7.50 1.37 4.66
C LEU A 210 -8.28 0.30 3.88
N GLN A 211 -8.69 0.60 2.67
CA GLN A 211 -9.44 -0.36 1.83
C GLN A 211 -8.53 -1.11 0.85
N GLY A 212 -7.38 -0.55 0.49
CA GLY A 212 -6.52 -1.14 -0.53
C GLY A 212 -5.05 -1.22 -0.23
N ILE A 213 -4.39 -2.18 -0.86
CA ILE A 213 -2.92 -2.34 -0.78
C ILE A 213 -2.43 -2.38 -2.23
N VAL A 214 -1.42 -1.56 -2.56
CA VAL A 214 -0.82 -1.56 -3.93
C VAL A 214 -0.33 -2.98 -4.27
N SER A 215 -0.96 -3.62 -5.25
CA SER A 215 -0.66 -5.03 -5.58
C SER A 215 -0.01 -5.18 -6.97
N TRP A 216 -0.71 -4.83 -8.04
CA TRP A 216 -0.19 -5.08 -9.42
C TRP A 216 -0.90 -4.26 -10.50
N GLY A 217 -0.42 -4.37 -11.75
CA GLY A 217 -1.03 -3.72 -12.91
C GLY A 217 -0.20 -3.93 -14.16
N SER A 218 -0.79 -3.93 -15.36
CA SER A 218 0.01 -3.98 -16.61
C SER A 218 0.69 -2.62 -16.84
N GLY A 219 2.00 -2.56 -16.70
CA GLY A 219 2.69 -1.28 -16.80
C GLY A 219 2.16 -0.28 -15.79
N CYS A 220 2.29 1.01 -16.08
CA CYS A 220 1.88 2.04 -15.11
C CYS A 220 1.24 3.23 -15.83
N ALA A 221 0.08 3.68 -15.33
CA ALA A 221 -0.68 4.84 -15.86
C ALA A 221 -0.93 4.64 -17.36
N GLN A 222 -1.01 3.39 -17.83
CA GLN A 222 -1.38 3.04 -19.22
C GLN A 222 -2.91 3.03 -19.33
N LYS A 223 -3.40 3.52 -20.48
CA LYS A 223 -4.78 3.44 -20.99
C LYS A 223 -5.40 2.06 -20.72
N ASN A 224 -6.60 2.01 -20.14
CA ASN A 224 -7.39 0.77 -19.90
C ASN A 224 -6.60 -0.26 -19.09
N LYS A 225 -5.60 0.17 -18.30
CA LYS A 225 -4.76 -0.69 -17.44
C LYS A 225 -4.67 -0.03 -16.06
N PRO A 226 -5.79 -0.03 -15.31
CA PRO A 226 -5.83 0.66 -14.03
C PRO A 226 -5.06 -0.16 -12.99
N GLY A 227 -4.73 0.48 -11.87
CA GLY A 227 -4.10 -0.18 -10.72
C GLY A 227 -5.02 -1.24 -10.15
N VAL A 228 -4.46 -2.38 -9.78
CA VAL A 228 -5.18 -3.45 -9.06
C VAL A 228 -4.69 -3.45 -7.61
N TYR A 229 -5.63 -3.49 -6.69
CA TYR A 229 -5.35 -3.32 -5.25
C TYR A 229 -5.95 -4.50 -4.48
N THR A 230 -5.26 -4.95 -3.42
CA THR A 230 -5.80 -5.98 -2.51
C THR A 230 -6.99 -5.36 -1.78
N LYS A 231 -8.11 -6.10 -1.72
CA LYS A 231 -9.40 -5.65 -1.13
C LYS A 231 -9.41 -5.95 0.38
N VAL A 232 -8.94 -5.00 1.19
CA VAL A 232 -8.59 -5.16 2.65
C VAL A 232 -9.83 -5.52 3.48
N CYS A 233 -11.08 -4.94 3.20
CA CYS A 233 -12.36 -5.21 3.88
C CYS A 233 -12.56 -6.73 3.96
N ASN A 234 -12.07 -7.46 2.96
CA ASN A 234 -12.15 -8.94 2.97
C ASN A 234 -11.25 -9.55 4.04
N TYR A 235 -10.31 -8.82 4.67
CA TYR A 235 -9.20 -9.42 5.47
C TYR A 235 -9.23 -8.97 6.93
N VAL A 236 -10.23 -8.16 7.27
CA VAL A 236 -10.30 -7.47 8.58
C VAL A 236 -10.40 -8.51 9.72
N SER A 237 -11.22 -9.58 9.58
CA SER A 237 -11.35 -10.64 10.64
C SER A 237 -9.99 -11.32 10.83
N TRP A 238 -9.40 -11.81 9.74
CA TRP A 238 -8.04 -12.41 9.74
C TRP A 238 -7.02 -11.45 10.34
N ILE A 239 -7.07 -10.14 10.02
CA ILE A 239 -6.07 -9.19 10.59
C ILE A 239 -6.26 -9.10 12.10
N LYS A 240 -7.47 -8.79 12.58
CA LYS A 240 -7.72 -8.58 14.03
C LYS A 240 -7.38 -9.88 14.77
N GLN A 241 -7.83 -11.01 14.22
CA GLN A 241 -7.63 -12.35 14.85
C GLN A 241 -6.12 -12.61 15.01
N THR A 242 -5.33 -12.37 13.96
CA THR A 242 -3.88 -12.66 13.87
C THR A 242 -3.14 -11.76 14.88
N ILE A 243 -3.48 -10.48 14.92
CA ILE A 243 -2.89 -9.48 15.86
C ILE A 243 -3.18 -9.90 17.31
N ALA A 244 -4.44 -10.29 17.58
CA ALA A 244 -4.88 -10.74 18.92
C ALA A 244 -4.19 -12.04 19.35
N SER A 245 -3.70 -12.86 18.41
CA SER A 245 -3.05 -14.17 18.73
C SER A 245 -1.52 -14.10 18.64
N ASN A 246 -0.93 -12.92 18.39
CA ASN A 246 0.50 -12.82 18.04
C ASN A 246 1.17 -11.65 18.78
CA CA B . 14.12 10.49 6.04
CL CL C . 5.95 13.62 -10.35
CL CL D . -12.73 -15.28 -5.94
CL CL E . -10.71 2.78 15.54
C1 E64 F . 2.73 -6.06 -15.62
O1 E64 F . 3.47 -5.10 -15.96
O2 E64 F . 1.99 -6.69 -16.42
C2 E64 F . 2.72 -6.52 -14.16
C3 E64 F . 3.78 -5.84 -13.28
O3 E64 F . 4.96 -6.59 -13.52
C4 E64 F . 3.44 -5.80 -11.79
O4 E64 F . 2.52 -5.07 -11.39
N1 E64 F . 4.22 -6.50 -10.95
C6 E64 F . 4.06 -6.44 -9.52
C7 E64 F . 4.96 -7.46 -8.79
C8 E64 F . 4.46 -8.90 -8.82
C9 E64 F . 4.58 -9.51 -10.21
C10 E64 F . 5.21 -9.76 -7.81
C11 E64 F . 4.33 -5.02 -9.00
O5 E64 F . 5.37 -4.44 -9.35
N2 E64 F . 3.38 -4.46 -8.25
C12 E64 F . 3.50 -3.23 -7.47
C13 E64 F . 2.98 -1.97 -8.15
C14 E64 F . 1.91 -2.20 -9.20
C15 E64 F . 1.32 -0.91 -9.72
N3 E64 F . 0.91 -0.95 -11.12
C16 E64 F . -0.06 -0.22 -11.64
N4 E64 F . -0.88 0.44 -10.84
N5 E64 F . -0.23 -0.15 -12.96
#